data_9FZQ
#
_entry.id   9FZQ
#
_cell.length_a   1.00
_cell.length_b   1.00
_cell.length_c   1.00
_cell.angle_alpha   90.00
_cell.angle_beta   90.00
_cell.angle_gamma   90.00
#
_symmetry.space_group_name_H-M   'P 1'
#
loop_
_entity.id
_entity.type
_entity.pdbx_description
1 polymer 'Mitochondrial brown fat uncoupling protein 1'
2 polymer CA9871
3 polymer CA9865
4 non-polymer "URIDINE 5'-TRIPHOSPHATE"
5 non-polymer CARDIOLIPIN
#
loop_
_entity_poly.entity_id
_entity_poly.type
_entity_poly.pdbx_seq_one_letter_code
_entity_poly.pdbx_strand_id
1 'polypeptide(L)'
;TSEDGGLTASDVHPTLGVQLFSAGIAACLADVITFPLDTAKVRLQVQGECPTSSVIRYKGVLGTITAVVKTEGRMKLYSG
LPAGLQRQISSASLRIGLYDTVQEFLTAGKETAPSLGSKILAGLTTGGVAVFIGQPTEVVKVRLQAQSHLHGIKPRYTGT
YNAYRIIATTEGLTGLWKGTTPNLMRSVIINCTELVTYDLMKEAFVKNNILADDVPCHLVSALIAGFCATAMSSPVDVVK
TRFINSPPGQYKSVPNCAMKVFTNEGPTAFFKGLVPSFLRLGSWNVIMFVCFEQLKRELSKSRQTMDCAT
;
A
2 'polypeptide(L)'
;QVQLVESGGGLVQAGDSLRLSCAASGLTLKNYAMGWFRQAPGKEHEFVAVISWSGSGTSYADSVEGRFTISRDNAKNTAF
LQMSSLKPEDTAVYYCAARDGGYGSRWPDEYTYWGQGTQVTVPP
;
B
3 'polypeptide(L)'
;QVQLVESGGGLVQAGGSLRLSCAPSGRTSSTYTMGWFRQAPGKEREFVAAISWTGTPYYADSVKGRFTISRDNAKNTVYL
QMNSLKPEDTAVYYCAAARPGLFIFVSDYARTAKYDYWGQGTQVTVPP
;
C
#
# COMPACT_ATOMS: atom_id res chain seq x y z
N HIS A 13 30.34 -10.69 9.83
CA HIS A 13 29.94 -9.68 10.80
C HIS A 13 29.33 -8.41 10.16
N PRO A 14 30.01 -7.79 9.19
CA PRO A 14 29.49 -6.51 8.66
C PRO A 14 28.22 -6.66 7.85
N THR A 15 28.02 -7.80 7.17
CA THR A 15 26.83 -7.97 6.34
C THR A 15 25.53 -7.89 7.15
N LEU A 16 25.54 -8.28 8.42
CA LEU A 16 24.35 -8.05 9.24
C LEU A 16 24.07 -6.56 9.43
N GLY A 17 25.11 -5.76 9.67
CA GLY A 17 24.91 -4.33 9.76
C GLY A 17 24.44 -3.72 8.46
N VAL A 18 24.96 -4.24 7.34
CA VAL A 18 24.49 -3.81 6.03
C VAL A 18 23.03 -4.20 5.82
N GLN A 19 22.65 -5.40 6.27
CA GLN A 19 21.25 -5.83 6.13
C GLN A 19 20.32 -4.93 6.93
N LEU A 20 20.67 -4.63 8.16
CA LEU A 20 19.84 -3.75 8.98
C LEU A 20 19.75 -2.36 8.37
N PHE A 21 20.89 -1.77 8.00
CA PHE A 21 20.90 -0.42 7.44
C PHE A 21 20.14 -0.36 6.13
N SER A 22 20.36 -1.33 5.25
CA SER A 22 19.65 -1.38 3.98
C SER A 22 18.14 -1.52 4.18
N ALA A 23 17.71 -2.38 5.09
CA ALA A 23 16.28 -2.52 5.33
C ALA A 23 15.68 -1.25 5.89
N GLY A 24 16.40 -0.56 6.77
CA GLY A 24 15.91 0.70 7.30
C GLY A 24 15.77 1.77 6.24
N ILE A 25 16.81 1.96 5.43
CA ILE A 25 16.76 3.01 4.40
C ILE A 25 15.72 2.67 3.33
N ALA A 26 15.66 1.42 2.89
CA ALA A 26 14.69 1.04 1.88
C ALA A 26 13.26 1.20 2.38
N ALA A 27 13.03 0.90 3.66
CA ALA A 27 11.71 1.11 4.25
C ALA A 27 11.37 2.59 4.37
N CYS A 28 12.35 3.43 4.72
CA CYS A 28 12.09 4.87 4.74
C CYS A 28 11.70 5.39 3.35
N LEU A 29 12.42 4.98 2.31
CA LEU A 29 12.10 5.44 0.96
C LEU A 29 10.70 5.00 0.55
N ALA A 30 10.36 3.72 0.75
CA ALA A 30 9.03 3.26 0.39
C ALA A 30 7.96 3.97 1.20
N ASP A 31 8.22 4.25 2.48
CA ASP A 31 7.21 4.90 3.29
C ASP A 31 6.98 6.32 2.82
N VAL A 32 8.04 7.05 2.48
CA VAL A 32 7.87 8.40 1.99
C VAL A 32 6.95 8.40 0.78
N ILE A 33 7.25 7.54 -0.19
CA ILE A 33 6.46 7.55 -1.42
C ILE A 33 5.01 7.14 -1.18
N THR A 34 4.80 6.03 -0.47
CA THR A 34 3.44 5.55 -0.20
C THR A 34 2.64 6.36 0.84
N PHE A 35 3.26 7.19 1.66
CA PHE A 35 2.57 7.81 2.78
C PHE A 35 1.26 8.55 2.48
N PRO A 36 1.10 9.31 1.39
CA PRO A 36 -0.25 9.80 1.05
C PRO A 36 -1.33 8.71 0.95
N LEU A 37 -1.00 7.53 0.44
CA LEU A 37 -1.95 6.42 0.45
C LEU A 37 -2.30 6.01 1.87
N ASP A 38 -1.35 6.10 2.78
CA ASP A 38 -1.62 5.74 4.17
C ASP A 38 -2.61 6.70 4.79
N THR A 39 -2.42 8.00 4.58
CA THR A 39 -3.35 9.00 5.09
C THR A 39 -4.74 8.82 4.50
N ALA A 40 -4.85 8.54 3.20
CA ALA A 40 -6.15 8.25 2.62
C ALA A 40 -6.79 7.00 3.22
N LYS A 41 -6.00 5.96 3.47
CA LYS A 41 -6.51 4.75 4.10
C LYS A 41 -7.05 5.04 5.50
N VAL A 42 -6.27 5.73 6.32
CA VAL A 42 -6.68 6.04 7.68
C VAL A 42 -7.91 6.94 7.68
N ARG A 43 -7.96 7.93 6.80
CA ARG A 43 -9.13 8.82 6.78
C ARG A 43 -10.38 8.12 6.28
N LEU A 44 -10.26 7.15 5.38
CA LEU A 44 -11.42 6.34 5.03
C LEU A 44 -11.87 5.45 6.18
N GLN A 45 -10.93 4.93 6.97
CA GLN A 45 -11.31 4.06 8.09
C GLN A 45 -11.92 4.83 9.27
N VAL A 46 -11.35 5.97 9.61
CA VAL A 46 -11.90 6.84 10.66
C VAL A 46 -13.19 7.53 10.22
N GLN A 47 -13.36 7.77 8.93
CA GLN A 47 -14.57 8.42 8.43
C GLN A 47 -15.87 7.79 8.92
N GLY A 48 -15.94 6.47 8.95
CA GLY A 48 -17.13 5.82 9.49
C GLY A 48 -17.40 6.17 10.95
N GLU A 49 -16.33 6.28 11.74
CA GLU A 49 -16.45 6.59 13.16
C GLU A 49 -17.02 7.99 13.40
N CYS A 50 -16.68 8.94 12.55
CA CYS A 50 -16.90 10.36 12.82
C CYS A 50 -18.34 10.64 13.25
N PRO A 51 -18.55 11.14 14.47
CA PRO A 51 -19.92 11.28 14.98
C PRO A 51 -20.67 12.44 14.35
N THR A 52 -21.98 12.26 14.24
CA THR A 52 -22.92 13.29 13.75
C THR A 52 -22.60 13.77 12.35
N SER A 53 -21.83 13.02 11.57
CA SER A 53 -21.58 13.40 10.19
C SER A 53 -22.85 13.26 9.36
N SER A 54 -23.21 14.33 8.65
CA SER A 54 -24.43 14.32 7.84
C SER A 54 -24.26 13.53 6.55
N VAL A 55 -23.04 13.40 6.03
CA VAL A 55 -22.79 12.65 4.80
C VAL A 55 -21.31 12.31 4.75
N ILE A 56 -20.97 11.35 3.88
CA ILE A 56 -19.56 11.04 3.64
C ILE A 56 -18.90 12.18 2.87
N ARG A 57 -17.59 12.31 3.06
CA ARG A 57 -16.79 13.31 2.38
C ARG A 57 -15.55 12.73 1.72
N TYR A 58 -15.15 11.53 2.09
CA TYR A 58 -14.04 10.81 1.48
C TYR A 58 -14.59 9.58 0.78
N LYS A 59 -14.40 9.52 -0.53
CA LYS A 59 -14.70 8.31 -1.28
C LYS A 59 -13.67 8.16 -2.38
N GLY A 60 -13.18 6.94 -2.55
CA GLY A 60 -12.10 6.70 -3.46
C GLY A 60 -10.75 7.12 -2.90
N VAL A 61 -9.69 6.56 -3.49
CA VAL A 61 -8.34 6.93 -3.10
C VAL A 61 -8.03 8.35 -3.56
N LEU A 62 -8.27 8.63 -4.84
CA LEU A 62 -7.97 9.96 -5.37
C LEU A 62 -9.00 10.98 -4.89
N GLY A 63 -10.24 10.57 -4.67
CA GLY A 63 -11.23 11.50 -4.13
C GLY A 63 -10.93 11.91 -2.70
N THR A 64 -10.45 10.96 -1.88
CA THR A 64 -10.00 11.30 -0.54
C THR A 64 -8.77 12.19 -0.57
N ILE A 65 -7.79 11.84 -1.38
CA ILE A 65 -6.57 12.62 -1.45
C ILE A 65 -6.86 14.04 -1.90
N THR A 66 -7.70 14.20 -2.93
CA THR A 66 -8.02 15.54 -3.41
C THR A 66 -8.87 16.32 -2.40
N ALA A 67 -9.80 15.66 -1.70
CA ALA A 67 -10.53 16.35 -0.64
C ALA A 67 -9.59 16.90 0.42
N VAL A 68 -8.63 16.07 0.86
CA VAL A 68 -7.67 16.51 1.86
C VAL A 68 -6.77 17.62 1.32
N VAL A 69 -6.32 17.50 0.08
CA VAL A 69 -5.46 18.54 -0.50
C VAL A 69 -6.20 19.87 -0.63
N LYS A 70 -7.47 19.82 -1.06
CA LYS A 70 -8.20 21.04 -1.32
C LYS A 70 -8.58 21.74 -0.03
N THR A 71 -9.20 21.01 0.90
CA THR A 71 -9.60 21.63 2.15
C THR A 71 -8.44 21.82 3.13
N GLU A 72 -7.73 20.74 3.44
CA GLU A 72 -6.63 20.77 4.41
C GLU A 72 -5.25 21.09 3.85
N GLY A 73 -4.95 20.75 2.60
CA GLY A 73 -3.66 21.07 2.05
C GLY A 73 -2.73 19.86 1.92
N ARG A 74 -1.75 20.00 1.03
CA ARG A 74 -0.86 18.89 0.67
C ARG A 74 -0.06 18.34 1.85
N MET A 75 0.51 19.23 2.67
CA MET A 75 1.27 18.78 3.84
C MET A 75 0.44 17.92 4.78
N LYS A 76 -0.87 18.10 4.82
CA LYS A 76 -1.72 17.24 5.64
C LYS A 76 -1.68 15.77 5.22
N LEU A 77 -1.46 15.47 3.93
CA LEU A 77 -1.24 14.08 3.54
C LEU A 77 -0.05 13.45 4.24
N TYR A 78 1.04 14.21 4.38
CA TYR A 78 2.24 13.81 5.08
C TYR A 78 2.14 13.87 6.60
N SER A 79 1.10 14.50 7.17
CA SER A 79 1.08 14.96 8.55
C SER A 79 1.69 14.02 9.57
N GLY A 80 1.53 12.72 9.40
CA GLY A 80 2.18 11.77 10.29
C GLY A 80 3.60 11.39 9.97
N LEU A 81 4.23 11.99 8.95
CA LEU A 81 5.40 11.37 8.33
C LEU A 81 6.60 11.12 9.23
N PRO A 82 7.02 12.03 10.12
CA PRO A 82 8.17 11.70 10.96
C PRO A 82 7.97 10.47 11.84
N ALA A 83 6.75 10.20 12.28
CA ALA A 83 6.48 8.95 12.98
C ALA A 83 6.47 7.76 12.04
N GLY A 84 6.10 7.97 10.78
CA GLY A 84 6.29 6.92 9.79
C GLY A 84 7.75 6.57 9.59
N LEU A 85 8.60 7.57 9.41
CA LEU A 85 10.03 7.34 9.24
C LEU A 85 10.65 6.71 10.49
N GLN A 86 10.24 7.14 11.68
CA GLN A 86 10.69 6.47 12.89
C GLN A 86 10.23 5.03 12.96
N ARG A 87 9.02 4.74 12.48
CA ARG A 87 8.56 3.36 12.41
C ARG A 87 9.40 2.55 11.44
N GLN A 88 9.77 3.14 10.31
CA GLN A 88 10.59 2.41 9.33
C GLN A 88 12.00 2.18 9.87
N ILE A 89 12.57 3.14 10.56
CA ILE A 89 13.92 2.98 11.10
C ILE A 89 13.94 1.95 12.22
N SER A 90 13.08 2.11 13.24
CA SER A 90 13.09 1.16 14.35
C SER A 90 12.42 -0.16 14.02
N SER A 91 11.17 -0.12 13.58
CA SER A 91 10.40 -1.34 13.37
C SER A 91 10.81 -2.09 12.10
N ALA A 92 10.85 -1.40 10.97
CA ALA A 92 11.08 -2.09 9.69
C ALA A 92 12.52 -2.54 9.49
N SER A 93 13.49 -1.82 10.04
CA SER A 93 14.87 -2.31 10.00
C SER A 93 14.99 -3.65 10.71
N LEU A 94 14.41 -3.77 11.90
CA LEU A 94 14.41 -5.05 12.60
C LEU A 94 13.58 -6.09 11.88
N ARG A 95 12.40 -5.71 11.40
CA ARG A 95 11.50 -6.68 10.82
C ARG A 95 12.09 -7.31 9.56
N ILE A 96 12.55 -6.46 8.63
CA ILE A 96 13.11 -6.92 7.36
C ILE A 96 14.56 -7.35 7.48
N GLY A 97 15.39 -6.57 8.18
CA GLY A 97 16.80 -6.90 8.26
C GLY A 97 17.10 -8.19 9.00
N LEU A 98 16.36 -8.48 10.06
CA LEU A 98 16.58 -9.71 10.82
C LEU A 98 15.90 -10.93 10.23
N TYR A 99 15.11 -10.79 9.16
CA TYR A 99 14.37 -11.95 8.67
C TYR A 99 15.31 -13.06 8.21
N ASP A 100 16.36 -12.71 7.48
CA ASP A 100 17.31 -13.71 7.02
C ASP A 100 17.98 -14.43 8.18
N THR A 101 18.35 -13.69 9.22
CA THR A 101 18.98 -14.29 10.38
C THR A 101 18.05 -15.30 11.08
N VAL A 102 16.78 -14.94 11.25
CA VAL A 102 15.85 -15.82 11.94
C VAL A 102 15.48 -17.02 11.07
N GLN A 103 15.33 -16.80 9.76
CA GLN A 103 15.13 -17.92 8.85
C GLN A 103 16.34 -18.85 8.82
N GLU A 104 17.55 -18.31 8.98
CA GLU A 104 18.73 -19.15 9.14
C GLU A 104 18.68 -19.96 10.43
N PHE A 105 18.32 -19.32 11.54
CA PHE A 105 18.17 -20.06 12.79
C PHE A 105 17.20 -21.22 12.64
N LEU A 106 16.09 -20.99 11.95
CA LEU A 106 15.10 -22.04 11.75
C LEU A 106 15.57 -23.08 10.72
N THR A 107 16.37 -22.67 9.73
CA THR A 107 16.94 -23.62 8.78
C THR A 107 17.94 -24.56 9.45
N ALA A 108 18.66 -24.07 10.46
CA ALA A 108 19.49 -24.98 11.25
C ALA A 108 18.63 -26.01 11.98
N GLY A 109 17.40 -25.65 12.36
CA GLY A 109 16.44 -26.58 12.91
C GLY A 109 15.47 -27.16 11.90
N LYS A 110 15.90 -27.32 10.64
CA LYS A 110 14.99 -27.53 9.52
C LYS A 110 14.11 -28.78 9.66
N GLU A 111 14.42 -29.69 10.58
CA GLU A 111 13.52 -30.82 10.81
C GLU A 111 12.24 -30.43 11.53
N THR A 112 12.21 -29.27 12.18
CA THR A 112 11.07 -28.90 13.03
C THR A 112 9.84 -28.44 12.25
N ALA A 113 10.01 -27.92 11.04
CA ALA A 113 8.86 -27.40 10.31
C ALA A 113 9.14 -27.49 8.82
N PRO A 114 8.09 -27.53 7.98
CA PRO A 114 8.26 -27.35 6.54
C PRO A 114 8.87 -26.00 6.20
N SER A 115 9.32 -25.88 4.95
CA SER A 115 9.87 -24.61 4.48
C SER A 115 8.85 -23.48 4.60
N LEU A 116 7.60 -23.76 4.22
CA LEU A 116 6.54 -22.76 4.42
C LEU A 116 6.37 -22.43 5.89
N GLY A 117 6.31 -23.45 6.74
CA GLY A 117 6.21 -23.20 8.17
C GLY A 117 7.39 -22.46 8.74
N SER A 118 8.58 -22.67 8.18
CA SER A 118 9.75 -21.94 8.64
C SER A 118 9.68 -20.48 8.22
N LYS A 119 9.25 -20.22 6.98
CA LYS A 119 9.07 -18.84 6.54
C LYS A 119 8.02 -18.13 7.39
N ILE A 120 6.94 -18.82 7.70
CA ILE A 120 5.90 -18.26 8.57
C ILE A 120 6.45 -17.97 9.96
N LEU A 121 7.15 -18.93 10.56
CA LEU A 121 7.65 -18.72 11.92
C LEU A 121 8.71 -17.64 12.01
N ALA A 122 9.57 -17.51 11.00
CA ALA A 122 10.50 -16.38 10.97
C ALA A 122 9.77 -15.07 10.83
N GLY A 123 8.74 -15.03 9.97
CA GLY A 123 7.98 -13.81 9.79
C GLY A 123 7.24 -13.42 11.05
N LEU A 124 6.62 -14.38 11.71
CA LEU A 124 5.90 -14.11 12.94
C LEU A 124 6.83 -13.66 14.06
N THR A 125 8.02 -14.23 14.15
CA THR A 125 8.94 -13.82 15.21
C THR A 125 9.42 -12.38 15.00
N THR A 126 9.91 -12.09 13.78
CA THR A 126 10.45 -10.75 13.53
C THR A 126 9.34 -9.71 13.49
N GLY A 127 8.16 -10.07 12.97
CA GLY A 127 7.03 -9.16 12.99
C GLY A 127 6.51 -8.87 14.38
N GLY A 128 6.45 -9.88 15.26
CA GLY A 128 6.03 -9.62 16.62
C GLY A 128 6.96 -8.69 17.36
N VAL A 129 8.27 -8.94 17.25
CA VAL A 129 9.23 -8.04 17.90
C VAL A 129 9.13 -6.63 17.32
N ALA A 130 9.08 -6.54 15.99
CA ALA A 130 9.03 -5.24 15.35
C ALA A 130 7.73 -4.50 15.63
N VAL A 131 6.60 -5.19 15.77
CA VAL A 131 5.36 -4.51 16.12
C VAL A 131 5.41 -3.99 17.54
N PHE A 132 6.01 -4.76 18.45
CA PHE A 132 6.08 -4.27 19.83
C PHE A 132 6.93 -3.00 19.90
N ILE A 133 8.11 -3.02 19.31
CA ILE A 133 8.95 -1.83 19.31
C ILE A 133 8.31 -0.69 18.50
N GLY A 134 7.72 -1.02 17.36
CA GLY A 134 7.06 -0.03 16.52
C GLY A 134 5.89 0.71 17.12
N GLN A 135 5.18 0.12 18.08
CA GLN A 135 3.85 0.62 18.43
C GLN A 135 3.76 2.09 18.83
N PRO A 136 4.63 2.67 19.65
CA PRO A 136 4.51 4.12 19.88
C PRO A 136 4.45 4.95 18.62
N THR A 137 5.28 4.62 17.65
CA THR A 137 5.31 5.34 16.38
C THR A 137 4.04 5.13 15.58
N GLU A 138 3.40 3.97 15.70
CA GLU A 138 2.12 3.82 15.00
C GLU A 138 1.02 4.59 15.69
N VAL A 139 1.00 4.62 17.02
CA VAL A 139 0.00 5.41 17.70
C VAL A 139 0.10 6.87 17.29
N VAL A 140 1.32 7.40 17.21
CA VAL A 140 1.50 8.78 16.79
C VAL A 140 1.17 8.96 15.31
N LYS A 141 1.63 8.07 14.46
CA LYS A 141 1.35 8.18 13.02
C LYS A 141 -0.15 8.20 12.76
N VAL A 142 -0.88 7.23 13.33
CA VAL A 142 -2.31 7.12 13.10
C VAL A 142 -3.06 8.31 13.68
N ARG A 143 -2.73 8.73 14.91
CA ARG A 143 -3.43 9.88 15.48
C ARG A 143 -3.20 11.16 14.68
N LEU A 144 -1.98 11.37 14.17
CA LEU A 144 -1.74 12.54 13.34
C LEU A 144 -2.34 12.43 11.95
N GLN A 145 -2.44 11.23 11.40
CA GLN A 145 -3.07 11.06 10.10
C GLN A 145 -4.57 11.26 10.14
N ALA A 146 -5.22 10.76 11.20
CA ALA A 146 -6.68 10.86 11.29
C ALA A 146 -7.15 12.27 11.62
N GLN A 147 -6.40 13.00 12.42
CA GLN A 147 -6.87 14.28 12.94
C GLN A 147 -7.06 15.32 11.85
N SER A 148 -8.11 16.12 11.99
CA SER A 148 -8.49 17.16 11.03
C SER A 148 -9.12 18.33 11.77
N HIS A 149 -8.90 19.53 11.24
CA HIS A 149 -9.54 20.74 11.77
C HIS A 149 -10.97 20.93 11.29
N LEU A 150 -11.51 20.00 10.51
CA LEU A 150 -12.79 20.16 9.86
C LEU A 150 -13.69 18.96 10.11
N HIS A 151 -13.33 18.09 11.04
CA HIS A 151 -14.06 16.86 11.29
C HIS A 151 -14.00 16.56 12.78
N GLY A 152 -14.96 15.77 13.22
CA GLY A 152 -14.82 14.96 14.42
C GLY A 152 -14.33 15.70 15.64
N ILE A 153 -13.49 15.02 16.42
CA ILE A 153 -12.91 15.56 17.64
C ILE A 153 -11.75 16.50 17.30
N LYS A 154 -11.62 17.55 18.10
CA LYS A 154 -10.65 18.61 17.86
C LYS A 154 -9.24 18.04 17.78
N PRO A 155 -8.42 18.51 16.83
CA PRO A 155 -7.00 18.15 16.83
C PRO A 155 -6.35 18.42 18.17
N ARG A 156 -5.52 17.48 18.63
CA ARG A 156 -4.89 17.59 19.93
C ARG A 156 -3.37 17.53 19.88
N TYR A 157 -2.77 17.41 18.70
CA TYR A 157 -1.32 17.34 18.57
C TYR A 157 -0.83 18.27 17.47
N THR A 158 0.24 19.01 17.77
CA THR A 158 0.96 19.81 16.77
C THR A 158 2.14 19.01 16.22
N GLY A 159 1.81 17.94 15.51
CA GLY A 159 2.82 17.09 14.92
C GLY A 159 3.44 16.06 15.84
N THR A 160 4.41 15.35 15.26
CA THR A 160 4.89 14.08 15.80
C THR A 160 5.48 14.20 17.19
N TYR A 161 6.41 15.14 17.39
CA TYR A 161 7.12 15.22 18.66
C TYR A 161 6.22 15.76 19.75
N ASN A 162 5.34 16.69 19.38
CA ASN A 162 4.30 17.14 20.29
C ASN A 162 3.33 16.01 20.60
N ALA A 163 3.02 15.16 19.61
CA ALA A 163 2.18 14.00 19.88
C ALA A 163 2.80 13.06 20.89
N TYR A 164 4.11 12.79 20.77
CA TYR A 164 4.78 11.97 21.79
C TYR A 164 4.75 12.63 23.16
N ARG A 165 5.05 13.93 23.22
CA ARG A 165 5.06 14.60 24.51
C ARG A 165 3.69 14.55 25.17
N ILE A 166 2.64 14.85 24.40
CA ILE A 166 1.30 14.91 24.96
C ILE A 166 0.77 13.52 25.30
N ILE A 167 1.02 12.51 24.47
CA ILE A 167 0.57 11.17 24.82
C ILE A 167 1.29 10.67 26.06
N ALA A 168 2.61 10.83 26.12
CA ALA A 168 3.36 10.34 27.28
C ALA A 168 2.98 11.06 28.55
N THR A 169 2.68 12.36 28.48
CA THR A 169 2.25 13.08 29.67
C THR A 169 0.82 12.73 30.06
N THR A 170 -0.10 12.76 29.09
CA THR A 170 -1.52 12.57 29.36
C THR A 170 -1.86 11.12 29.70
N GLU A 171 -1.31 10.18 28.94
CA GLU A 171 -1.72 8.78 29.02
C GLU A 171 -0.63 7.87 29.56
N GLY A 172 0.50 8.43 29.98
CA GLY A 172 1.63 7.65 30.44
C GLY A 172 2.37 6.93 29.32
N LEU A 173 3.55 6.41 29.64
CA LEU A 173 4.31 5.65 28.66
C LEU A 173 3.56 4.41 28.19
N THR A 174 2.79 3.77 29.08
CA THR A 174 1.93 2.67 28.67
C THR A 174 0.94 3.09 27.58
N GLY A 175 0.53 4.36 27.58
CA GLY A 175 -0.46 4.81 26.62
C GLY A 175 -0.01 4.79 25.18
N LEU A 176 1.29 4.97 24.93
CA LEU A 176 1.84 4.89 23.59
C LEU A 176 1.74 3.52 22.95
N TRP A 177 1.55 2.45 23.73
CA TRP A 177 1.35 1.12 23.17
C TRP A 177 -0.11 0.78 22.92
N LYS A 178 -1.03 1.73 23.01
CA LYS A 178 -2.44 1.46 22.77
C LYS A 178 -2.65 0.77 21.44
N GLY A 179 -3.37 -0.33 21.45
CA GLY A 179 -3.63 -1.06 20.23
C GLY A 179 -2.50 -1.94 19.77
N THR A 180 -1.58 -2.30 20.66
CA THR A 180 -0.60 -3.33 20.33
C THR A 180 -1.28 -4.62 19.91
N THR A 181 -2.27 -5.07 20.66
CA THR A 181 -2.85 -6.39 20.38
C THR A 181 -3.60 -6.51 19.06
N PRO A 182 -4.40 -5.52 18.62
CA PRO A 182 -4.88 -5.57 17.23
C PRO A 182 -3.77 -5.44 16.21
N ASN A 183 -2.69 -4.73 16.51
CA ASN A 183 -1.60 -4.63 15.54
C ASN A 183 -0.80 -5.93 15.42
N LEU A 184 -0.65 -6.66 16.53
CA LEU A 184 -0.10 -8.01 16.47
C LEU A 184 -1.01 -8.93 15.69
N MET A 185 -2.31 -8.88 15.98
CA MET A 185 -3.25 -9.73 15.26
C MET A 185 -3.24 -9.44 13.76
N ARG A 186 -3.18 -8.15 13.40
CA ARG A 186 -3.09 -7.78 11.99
C ARG A 186 -1.80 -8.28 11.34
N SER A 187 -0.67 -8.15 12.02
CA SER A 187 0.59 -8.55 11.41
C SER A 187 0.69 -10.06 11.27
N VAL A 188 0.16 -10.80 12.25
CA VAL A 188 0.05 -12.25 12.14
C VAL A 188 -0.83 -12.64 10.97
N ILE A 189 -1.98 -11.97 10.82
CA ILE A 189 -2.89 -12.30 9.73
C ILE A 189 -2.25 -11.97 8.39
N ILE A 190 -1.54 -10.85 8.28
CA ILE A 190 -0.87 -10.52 7.03
C ILE A 190 0.17 -11.57 6.69
N ASN A 191 1.06 -11.90 7.63
CA ASN A 191 2.14 -12.80 7.31
C ASN A 191 1.63 -14.20 6.96
N CYS A 192 0.74 -14.75 7.78
CA CYS A 192 0.20 -16.07 7.49
C CYS A 192 -0.58 -16.10 6.18
N THR A 193 -1.45 -15.11 5.96
CA THR A 193 -2.31 -15.14 4.79
C THR A 193 -1.51 -14.92 3.53
N GLU A 194 -0.53 -14.03 3.57
CA GLU A 194 0.24 -13.73 2.38
C GLU A 194 1.12 -14.90 1.99
N LEU A 195 1.80 -15.52 2.96
CA LEU A 195 2.66 -16.64 2.63
C LEU A 195 1.86 -17.86 2.15
N VAL A 196 0.78 -18.20 2.87
CA VAL A 196 -0.05 -19.33 2.46
C VAL A 196 -0.67 -19.10 1.09
N THR A 197 -1.25 -17.91 0.87
CA THR A 197 -1.92 -17.66 -0.39
C THR A 197 -0.94 -17.60 -1.54
N TYR A 198 0.27 -17.07 -1.32
CA TYR A 198 1.26 -17.07 -2.39
C TYR A 198 1.63 -18.48 -2.79
N ASP A 199 1.95 -19.34 -1.82
CA ASP A 199 2.36 -20.68 -2.21
C ASP A 199 1.22 -21.48 -2.82
N LEU A 200 0.00 -21.31 -2.32
CA LEU A 200 -1.15 -21.99 -2.93
C LEU A 200 -1.47 -21.47 -4.32
N MET A 201 -1.33 -20.16 -4.55
CA MET A 201 -1.63 -19.61 -5.86
C MET A 201 -0.56 -19.97 -6.89
N LYS A 202 0.70 -19.97 -6.48
CA LYS A 202 1.75 -20.46 -7.35
C LYS A 202 1.52 -21.93 -7.71
N GLU A 203 1.21 -22.77 -6.72
CA GLU A 203 0.86 -24.15 -7.01
C GLU A 203 -0.30 -24.24 -7.98
N ALA A 204 -1.36 -23.47 -7.75
CA ALA A 204 -2.53 -23.53 -8.64
C ALA A 204 -2.18 -23.18 -10.07
N PHE A 205 -1.37 -22.14 -10.28
CA PHE A 205 -1.00 -21.77 -11.63
C PHE A 205 -0.08 -22.78 -12.28
N VAL A 206 0.97 -23.21 -11.59
CA VAL A 206 1.97 -24.06 -12.22
C VAL A 206 1.45 -25.48 -12.41
N LYS A 207 0.82 -26.05 -11.38
CA LYS A 207 0.42 -27.45 -11.43
C LYS A 207 -0.65 -27.71 -12.48
N ASN A 208 -1.51 -26.73 -12.75
CA ASN A 208 -2.50 -26.86 -13.82
C ASN A 208 -1.97 -26.35 -15.16
N ASN A 209 -0.68 -26.01 -15.24
CA ASN A 209 -0.06 -25.50 -16.46
C ASN A 209 -0.77 -24.25 -16.98
N ILE A 210 -1.30 -23.43 -16.07
CA ILE A 210 -1.99 -22.22 -16.50
C ILE A 210 -0.98 -21.14 -16.88
N LEU A 211 0.13 -21.06 -16.16
CA LEU A 211 1.19 -20.13 -16.45
C LEU A 211 2.53 -20.85 -16.42
N ALA A 212 3.50 -20.27 -17.10
CA ALA A 212 4.86 -20.78 -17.03
C ALA A 212 5.44 -20.52 -15.66
N ASP A 213 6.14 -21.50 -15.12
CA ASP A 213 6.77 -21.32 -13.82
C ASP A 213 7.98 -20.41 -13.96
N ASP A 214 7.72 -19.13 -14.16
CA ASP A 214 8.75 -18.13 -14.34
C ASP A 214 8.26 -16.85 -13.66
N VAL A 215 9.10 -15.81 -13.68
CA VAL A 215 8.88 -14.61 -12.89
C VAL A 215 7.50 -13.98 -13.10
N PRO A 216 6.92 -13.97 -14.31
CA PRO A 216 5.54 -13.49 -14.43
C PRO A 216 4.53 -14.21 -13.55
N CYS A 217 4.59 -15.54 -13.48
CA CYS A 217 3.64 -16.26 -12.64
C CYS A 217 3.85 -15.95 -11.17
N HIS A 218 5.10 -15.76 -10.75
CA HIS A 218 5.37 -15.42 -9.38
C HIS A 218 4.87 -14.02 -9.03
N LEU A 219 5.03 -13.07 -9.95
CA LEU A 219 4.53 -11.72 -9.72
C LEU A 219 3.01 -11.68 -9.65
N VAL A 220 2.34 -12.42 -10.55
CA VAL A 220 0.88 -12.50 -10.50
C VAL A 220 0.39 -13.12 -9.20
N SER A 221 0.96 -14.27 -8.82
CA SER A 221 0.53 -14.92 -7.59
C SER A 221 0.89 -14.09 -6.36
N ALA A 222 1.98 -13.32 -6.41
CA ALA A 222 2.29 -12.41 -5.31
C ALA A 222 1.28 -11.27 -5.22
N LEU A 223 0.81 -10.76 -6.36
CA LEU A 223 -0.26 -9.76 -6.31
C LEU A 223 -1.53 -10.33 -5.70
N ILE A 224 -1.90 -11.54 -6.09
CA ILE A 224 -3.10 -12.16 -5.53
C ILE A 224 -2.94 -12.40 -4.03
N ALA A 225 -1.78 -12.89 -3.61
CA ALA A 225 -1.52 -13.12 -2.20
C ALA A 225 -1.53 -11.82 -1.39
N GLY A 226 -0.93 -10.76 -1.93
CA GLY A 226 -0.95 -9.49 -1.23
C GLY A 226 -2.33 -8.89 -1.11
N PHE A 227 -3.18 -9.07 -2.13
CA PHE A 227 -4.58 -8.66 -1.99
C PHE A 227 -5.29 -9.46 -0.93
N CYS A 228 -5.16 -10.80 -0.95
CA CYS A 228 -5.86 -11.61 0.04
C CYS A 228 -5.39 -11.30 1.47
N ALA A 229 -4.09 -11.08 1.64
CA ALA A 229 -3.59 -10.67 2.95
C ALA A 229 -4.10 -9.31 3.37
N THR A 230 -4.27 -8.37 2.43
CA THR A 230 -4.90 -7.10 2.77
C THR A 230 -6.36 -7.29 3.15
N ALA A 231 -7.09 -8.10 2.39
CA ALA A 231 -8.50 -8.32 2.68
C ALA A 231 -8.70 -8.90 4.07
N MET A 232 -7.94 -9.95 4.41
CA MET A 232 -8.03 -10.53 5.76
C MET A 232 -7.57 -9.56 6.84
N SER A 233 -6.49 -8.83 6.60
CA SER A 233 -6.05 -7.78 7.51
C SER A 233 -7.11 -6.72 7.77
N SER A 234 -7.92 -6.41 6.75
CA SER A 234 -8.73 -5.18 6.78
C SER A 234 -9.69 -5.01 7.94
N PRO A 235 -10.53 -5.98 8.31
CA PRO A 235 -11.36 -5.78 9.52
C PRO A 235 -10.55 -5.43 10.77
N VAL A 236 -9.42 -6.13 10.96
CA VAL A 236 -8.57 -5.88 12.11
C VAL A 236 -7.87 -4.55 11.97
N ASP A 237 -7.57 -4.13 10.74
CA ASP A 237 -6.93 -2.84 10.55
C ASP A 237 -7.89 -1.68 10.79
N VAL A 238 -9.16 -1.84 10.46
CA VAL A 238 -10.16 -0.83 10.79
C VAL A 238 -10.33 -0.70 12.30
N VAL A 239 -10.51 -1.83 12.98
CA VAL A 239 -10.67 -1.77 14.44
C VAL A 239 -9.40 -1.24 15.09
N LYS A 240 -8.22 -1.60 14.56
CA LYS A 240 -6.97 -1.06 15.07
C LYS A 240 -6.92 0.44 14.92
N THR A 241 -7.21 0.95 13.72
CA THR A 241 -7.11 2.39 13.48
C THR A 241 -8.05 3.15 14.39
N ARG A 242 -9.28 2.66 14.53
CA ARG A 242 -10.25 3.32 15.39
C ARG A 242 -9.86 3.25 16.86
N PHE A 243 -9.47 2.08 17.35
CA PHE A 243 -9.06 1.96 18.75
C PHE A 243 -7.84 2.82 19.09
N ILE A 244 -6.82 2.80 18.23
CA ILE A 244 -5.65 3.65 18.44
C ILE A 244 -6.04 5.12 18.43
N ASN A 245 -6.88 5.52 17.48
CA ASN A 245 -7.23 6.93 17.33
C ASN A 245 -8.13 7.44 18.45
N SER A 246 -8.96 6.57 19.00
CA SER A 246 -9.98 6.97 19.97
C SER A 246 -9.37 7.58 21.23
N PRO A 247 -9.87 8.72 21.68
CA PRO A 247 -9.54 9.21 23.03
C PRO A 247 -9.98 8.22 24.10
N PRO A 248 -9.39 8.28 25.29
CA PRO A 248 -9.70 7.29 26.32
C PRO A 248 -11.17 7.31 26.75
N GLY A 249 -11.73 6.11 26.87
CA GLY A 249 -13.11 5.92 27.26
C GLY A 249 -14.10 5.84 26.12
N GLN A 250 -13.73 6.26 24.91
CA GLN A 250 -14.63 6.14 23.78
C GLN A 250 -14.94 4.69 23.46
N TYR A 251 -13.95 3.81 23.57
CA TYR A 251 -14.16 2.37 23.47
C TYR A 251 -13.63 1.71 24.73
N LYS A 252 -14.47 0.89 25.36
CA LYS A 252 -14.08 0.23 26.60
C LYS A 252 -13.02 -0.83 26.38
N SER A 253 -12.94 -1.38 25.17
CA SER A 253 -12.08 -2.50 24.85
C SER A 253 -12.04 -2.62 23.34
N VAL A 254 -11.09 -3.38 22.83
CA VAL A 254 -11.00 -3.61 21.38
C VAL A 254 -12.19 -4.41 20.87
N PRO A 255 -12.64 -5.47 21.55
CA PRO A 255 -13.88 -6.11 21.11
C PRO A 255 -15.10 -5.21 21.22
N ASN A 256 -15.12 -4.27 22.17
CA ASN A 256 -16.19 -3.28 22.20
C ASN A 256 -16.14 -2.39 20.96
N CYS A 257 -14.95 -1.96 20.53
CA CYS A 257 -14.83 -1.22 19.28
C CYS A 257 -15.32 -2.03 18.09
N ALA A 258 -14.90 -3.28 17.98
CA ALA A 258 -15.36 -4.12 16.87
C ALA A 258 -16.87 -4.32 16.92
N MET A 259 -17.43 -4.51 18.11
CA MET A 259 -18.88 -4.68 18.24
C MET A 259 -19.63 -3.43 17.86
N LYS A 260 -19.14 -2.26 18.26
CA LYS A 260 -19.77 -1.01 17.86
C LYS A 260 -19.72 -0.80 16.35
N VAL A 261 -18.56 -1.03 15.74
CA VAL A 261 -18.45 -0.91 14.29
C VAL A 261 -19.46 -1.82 13.60
N PHE A 262 -19.55 -3.08 14.01
CA PHE A 262 -20.50 -3.99 13.40
C PHE A 262 -21.94 -3.59 13.70
N THR A 263 -22.21 -3.09 14.89
CA THR A 263 -23.58 -2.83 15.29
C THR A 263 -24.16 -1.61 14.60
N ASN A 264 -23.46 -0.47 14.67
CA ASN A 264 -24.00 0.68 13.94
C ASN A 264 -23.69 0.66 12.45
N GLU A 265 -22.42 0.49 12.05
CA GLU A 265 -22.13 0.56 10.62
C GLU A 265 -22.44 -0.73 9.85
N GLY A 266 -22.35 -1.89 10.48
CA GLY A 266 -22.55 -3.13 9.76
C GLY A 266 -21.30 -3.70 9.12
N PRO A 267 -21.43 -4.91 8.56
CA PRO A 267 -20.23 -5.67 8.15
C PRO A 267 -19.44 -5.04 7.00
N THR A 268 -20.03 -4.14 6.22
CA THR A 268 -19.26 -3.47 5.18
C THR A 268 -18.21 -2.53 5.76
N ALA A 269 -18.41 -2.06 6.98
CA ALA A 269 -17.54 -1.04 7.55
C ALA A 269 -16.12 -1.53 7.76
N PHE A 270 -15.97 -2.79 8.16
CA PHE A 270 -14.66 -3.37 8.42
C PHE A 270 -13.72 -3.30 7.23
N PHE A 271 -14.24 -3.35 6.02
CA PHE A 271 -13.42 -3.20 4.82
C PHE A 271 -13.03 -1.78 4.48
N LYS A 272 -13.65 -0.76 5.06
CA LYS A 272 -13.32 0.63 4.76
C LYS A 272 -11.82 0.86 4.66
N GLY A 273 -11.42 1.58 3.63
CA GLY A 273 -10.01 1.80 3.34
C GLY A 273 -9.30 0.66 2.63
N LEU A 274 -10.03 -0.39 2.23
CA LEU A 274 -9.40 -1.57 1.63
C LEU A 274 -8.54 -1.24 0.42
N VAL A 275 -9.03 -0.41 -0.49
CA VAL A 275 -8.31 -0.12 -1.74
C VAL A 275 -7.01 0.63 -1.50
N PRO A 276 -6.98 1.74 -0.75
CA PRO A 276 -5.67 2.33 -0.45
C PRO A 276 -4.80 1.45 0.43
N SER A 277 -5.39 0.63 1.30
CA SER A 277 -4.60 -0.31 2.09
C SER A 277 -3.86 -1.30 1.20
N PHE A 278 -4.55 -1.87 0.22
CA PHE A 278 -3.92 -2.79 -0.72
C PHE A 278 -2.88 -2.08 -1.57
N LEU A 279 -3.25 -0.92 -2.13
CA LEU A 279 -2.30 -0.18 -2.96
C LEU A 279 -1.03 0.16 -2.19
N ARG A 280 -1.16 0.58 -0.93
CA ARG A 280 0.01 0.86 -0.12
C ARG A 280 0.81 -0.41 0.18
N LEU A 281 0.15 -1.48 0.57
CA LEU A 281 0.90 -2.70 0.88
C LEU A 281 1.72 -3.14 -0.33
N GLY A 282 1.08 -3.22 -1.50
CA GLY A 282 1.80 -3.65 -2.68
C GLY A 282 2.89 -2.69 -3.12
N SER A 283 2.58 -1.40 -3.20
CA SER A 283 3.56 -0.44 -3.69
C SER A 283 4.72 -0.28 -2.71
N TRP A 284 4.42 -0.26 -1.41
CA TRP A 284 5.45 -0.19 -0.38
C TRP A 284 6.36 -1.41 -0.43
N ASN A 285 5.77 -2.60 -0.51
CA ASN A 285 6.60 -3.80 -0.56
C ASN A 285 7.46 -3.86 -1.81
N VAL A 286 6.92 -3.43 -2.96
CA VAL A 286 7.71 -3.41 -4.19
C VAL A 286 8.88 -2.44 -4.08
N ILE A 287 8.60 -1.19 -3.69
CA ILE A 287 9.66 -0.20 -3.59
C ILE A 287 10.67 -0.60 -2.54
N MET A 288 10.21 -1.11 -1.41
CA MET A 288 11.10 -1.53 -0.35
C MET A 288 12.01 -2.65 -0.81
N PHE A 289 11.44 -3.70 -1.41
CA PHE A 289 12.26 -4.84 -1.80
C PHE A 289 13.28 -4.45 -2.84
N VAL A 290 12.87 -3.67 -3.85
CA VAL A 290 13.81 -3.23 -4.87
C VAL A 290 14.94 -2.40 -4.27
N CYS A 291 14.61 -1.42 -3.44
CA CYS A 291 15.65 -0.58 -2.85
C CYS A 291 16.50 -1.34 -1.85
N PHE A 292 15.90 -2.28 -1.13
CA PHE A 292 16.63 -3.09 -0.15
C PHE A 292 17.65 -3.97 -0.83
N GLU A 293 17.25 -4.67 -1.89
CA GLU A 293 18.20 -5.48 -2.64
C GLU A 293 19.29 -4.62 -3.25
N GLN A 294 18.92 -3.55 -3.95
CA GLN A 294 19.94 -2.76 -4.64
C GLN A 294 20.92 -2.13 -3.65
N LEU A 295 20.43 -1.63 -2.52
CA LEU A 295 21.31 -0.98 -1.55
C LEU A 295 22.15 -2.01 -0.82
N LYS A 296 21.57 -3.16 -0.48
CA LYS A 296 22.34 -4.20 0.17
C LYS A 296 23.46 -4.68 -0.71
N ARG A 297 23.17 -4.96 -1.99
CA ARG A 297 24.20 -5.39 -2.92
C ARG A 297 25.28 -4.32 -3.11
N GLU A 298 24.87 -3.08 -3.34
CA GLU A 298 25.85 -2.02 -3.60
C GLU A 298 26.72 -1.74 -2.39
N LEU A 299 26.13 -1.70 -1.19
CA LEU A 299 26.91 -1.41 0.00
C LEU A 299 27.77 -2.61 0.40
N SER A 300 27.33 -3.84 0.11
CA SER A 300 28.12 -5.02 0.42
C SER A 300 29.47 -5.00 -0.28
N LYS A 301 29.56 -4.42 -1.46
CA LYS A 301 30.81 -4.36 -2.22
C LYS A 301 31.96 -3.77 -1.41
N GLN B 1 -3.51 46.74 13.40
CA GLN B 1 -3.91 47.52 12.24
C GLN B 1 -4.84 46.73 11.34
N VAL B 2 -4.97 45.44 11.62
CA VAL B 2 -5.84 44.55 10.82
C VAL B 2 -7.28 44.74 11.27
N GLN B 3 -8.19 44.90 10.30
CA GLN B 3 -9.60 45.00 10.59
C GLN B 3 -10.42 44.23 9.56
N LEU B 4 -11.45 43.53 10.03
CA LEU B 4 -12.42 42.85 9.19
C LEU B 4 -13.78 43.48 9.45
N VAL B 5 -14.45 43.93 8.39
CA VAL B 5 -15.72 44.64 8.51
C VAL B 5 -16.79 43.85 7.78
N GLU B 6 -17.76 43.31 8.54
CA GLU B 6 -18.88 42.59 7.97
C GLU B 6 -20.00 43.55 7.59
N SER B 7 -20.69 43.21 6.51
CA SER B 7 -21.82 44.01 6.05
C SER B 7 -22.81 43.08 5.35
N GLY B 8 -24.02 43.58 5.14
CA GLY B 8 -25.04 42.82 4.45
C GLY B 8 -26.09 42.20 5.35
N GLY B 9 -25.96 42.30 6.67
CA GLY B 9 -26.97 41.76 7.56
C GLY B 9 -28.25 42.57 7.51
N GLY B 10 -29.30 42.01 8.11
CA GLY B 10 -30.57 42.71 8.11
C GLY B 10 -31.71 41.79 8.49
N LEU B 11 -32.92 42.33 8.35
CA LEU B 11 -34.16 41.64 8.63
C LEU B 11 -34.75 41.10 7.34
N VAL B 12 -34.95 39.78 7.27
CA VAL B 12 -35.52 39.13 6.10
C VAL B 12 -36.54 38.10 6.54
N GLN B 13 -37.40 37.70 5.60
CA GLN B 13 -38.46 36.73 5.87
C GLN B 13 -37.95 35.32 5.62
N ALA B 14 -38.59 34.35 6.26
CA ALA B 14 -38.26 32.95 6.04
C ALA B 14 -38.40 32.61 4.57
N GLY B 15 -37.39 31.94 4.03
CA GLY B 15 -37.35 31.61 2.62
C GLY B 15 -36.58 32.59 1.76
N ASP B 16 -36.32 33.79 2.29
CA ASP B 16 -35.58 34.80 1.56
C ASP B 16 -34.09 34.43 1.50
N SER B 17 -33.36 35.18 0.70
CA SER B 17 -31.92 35.02 0.54
C SER B 17 -31.20 36.28 0.99
N LEU B 18 -29.96 36.11 1.44
CA LEU B 18 -29.13 37.21 1.91
C LEU B 18 -27.67 36.93 1.61
N ARG B 19 -26.93 37.99 1.29
CA ARG B 19 -25.49 37.90 1.02
C ARG B 19 -24.73 38.80 1.98
N LEU B 20 -23.83 38.20 2.76
CA LEU B 20 -22.96 38.94 3.66
C LEU B 20 -21.60 39.17 3.02
N SER B 21 -21.00 40.31 3.32
CA SER B 21 -19.67 40.64 2.81
C SER B 21 -18.74 40.91 3.99
N CYS B 22 -17.46 40.60 3.79
CA CYS B 22 -16.43 40.80 4.81
C CYS B 22 -15.21 41.45 4.16
N ALA B 23 -15.02 42.75 4.40
CA ALA B 23 -13.93 43.50 3.79
C ALA B 23 -12.73 43.52 4.73
N ALA B 24 -11.57 43.14 4.22
CA ALA B 24 -10.35 43.06 5.00
C ALA B 24 -9.43 44.24 4.72
N SER B 25 -8.77 44.73 5.77
CA SER B 25 -7.79 45.79 5.64
C SER B 25 -6.58 45.44 6.51
N GLY B 26 -5.41 45.86 6.07
CA GLY B 26 -4.19 45.58 6.79
C GLY B 26 -3.60 44.20 6.57
N LEU B 27 -4.22 43.38 5.72
CA LEU B 27 -3.69 42.05 5.42
C LEU B 27 -3.96 41.71 3.97
N THR B 28 -3.20 40.74 3.46
CA THR B 28 -3.36 40.22 2.11
C THR B 28 -4.20 38.96 2.24
N LEU B 29 -5.50 39.09 1.90
CA LEU B 29 -6.46 38.02 2.12
C LEU B 29 -6.06 36.69 1.50
N LYS B 30 -5.38 36.71 0.35
CA LYS B 30 -5.01 35.46 -0.31
C LYS B 30 -4.12 34.56 0.54
N ASN B 31 -3.57 35.07 1.63
CA ASN B 31 -2.76 34.25 2.54
C ASN B 31 -3.55 33.70 3.72
N TYR B 32 -4.85 34.00 3.82
CA TYR B 32 -5.65 33.63 4.97
C TYR B 32 -6.90 32.89 4.55
N ALA B 33 -7.24 31.83 5.28
CA ALA B 33 -8.54 31.20 5.12
C ALA B 33 -9.57 32.08 5.79
N MET B 34 -10.77 32.14 5.22
CA MET B 34 -11.82 33.00 5.74
C MET B 34 -12.97 32.13 6.19
N GLY B 35 -13.44 32.35 7.41
CA GLY B 35 -14.50 31.55 7.98
C GLY B 35 -15.61 32.42 8.48
N TRP B 36 -16.82 31.88 8.47
CA TRP B 36 -17.99 32.57 8.98
C TRP B 36 -18.53 31.84 10.19
N PHE B 37 -18.82 32.59 11.25
CA PHE B 37 -19.36 32.02 12.46
C PHE B 37 -20.59 32.82 12.84
N ARG B 38 -21.47 32.20 13.61
CA ARG B 38 -22.68 32.87 14.03
C ARG B 38 -22.91 32.60 15.51
N GLN B 39 -23.58 33.54 16.16
CA GLN B 39 -23.84 33.46 17.59
C GLN B 39 -25.28 33.84 17.86
N ALA B 40 -26.09 32.86 18.23
CA ALA B 40 -27.47 33.10 18.61
C ALA B 40 -27.53 33.73 19.99
N PRO B 41 -28.61 34.45 20.31
CA PRO B 41 -28.71 35.08 21.63
C PRO B 41 -28.50 34.09 22.76
N GLY B 42 -27.55 34.42 23.64
CA GLY B 42 -27.24 33.59 24.79
C GLY B 42 -26.46 32.32 24.49
N LYS B 43 -25.98 32.14 23.27
CA LYS B 43 -25.23 30.95 22.88
C LYS B 43 -23.82 31.33 22.45
N GLU B 44 -22.96 30.31 22.35
CA GLU B 44 -21.59 30.47 21.88
C GLU B 44 -21.52 30.49 20.36
N HIS B 45 -20.35 30.88 19.84
CA HIS B 45 -20.11 30.89 18.39
C HIS B 45 -20.33 29.52 17.77
N GLU B 46 -21.08 29.49 16.68
CA GLU B 46 -21.33 28.28 15.91
C GLU B 46 -20.66 28.42 14.55
N PHE B 47 -19.90 27.40 14.16
CA PHE B 47 -19.26 27.41 12.86
C PHE B 47 -20.30 27.36 11.74
N VAL B 48 -20.07 28.14 10.69
CA VAL B 48 -21.00 28.14 9.56
C VAL B 48 -20.31 27.68 8.29
N ALA B 49 -19.26 28.38 7.88
CA ALA B 49 -18.59 28.04 6.64
C ALA B 49 -17.18 28.60 6.66
N VAL B 50 -16.31 27.95 5.89
CA VAL B 50 -14.92 28.37 5.75
C VAL B 50 -14.48 28.10 4.32
N ILE B 51 -13.59 28.95 3.82
CA ILE B 51 -13.08 28.82 2.47
C ILE B 51 -11.56 28.96 2.50
N SER B 52 -10.86 28.08 1.78
CA SER B 52 -9.42 28.08 1.74
C SER B 52 -8.89 29.32 1.01
N TRP B 53 -7.58 29.53 1.12
CA TRP B 53 -6.95 30.71 0.55
C TRP B 53 -7.22 30.85 -0.94
N SER B 54 -7.25 29.73 -1.66
CA SER B 54 -7.50 29.76 -3.09
C SER B 54 -8.98 29.69 -3.43
N GLY B 55 -9.81 29.31 -2.48
CA GLY B 55 -11.22 29.16 -2.73
C GLY B 55 -11.60 27.81 -3.28
N SER B 56 -10.62 26.94 -3.52
CA SER B 56 -10.90 25.62 -4.08
C SER B 56 -11.43 24.65 -3.04
N GLY B 57 -11.27 24.97 -1.75
CA GLY B 57 -11.77 24.11 -0.71
C GLY B 57 -12.71 24.89 0.19
N THR B 58 -13.90 24.35 0.39
CA THR B 58 -14.91 24.97 1.24
C THR B 58 -15.50 23.92 2.15
N SER B 59 -16.02 24.36 3.29
CA SER B 59 -16.66 23.44 4.23
C SER B 59 -17.80 24.17 4.91
N TYR B 60 -18.87 23.45 5.21
CA TYR B 60 -20.06 24.06 5.77
C TYR B 60 -20.57 23.23 6.94
N ALA B 61 -21.24 23.90 7.87
CA ALA B 61 -21.91 23.20 8.94
C ALA B 61 -23.09 22.42 8.37
N ASP B 62 -23.38 21.27 8.99
CA ASP B 62 -24.47 20.43 8.51
C ASP B 62 -25.79 21.19 8.46
N SER B 63 -25.99 22.15 9.37
CA SER B 63 -27.22 22.93 9.39
C SER B 63 -27.33 23.92 8.23
N VAL B 64 -26.23 24.24 7.57
CA VAL B 64 -26.26 25.20 6.47
C VAL B 64 -25.78 24.62 5.16
N GLU B 65 -25.19 23.43 5.15
CA GLU B 65 -24.73 22.84 3.91
C GLU B 65 -25.89 22.64 2.94
N GLY B 66 -25.69 23.07 1.70
CA GLY B 66 -26.71 23.02 0.69
C GLY B 66 -27.56 24.28 0.59
N ARG B 67 -27.54 25.13 1.61
CA ARG B 67 -28.28 26.39 1.62
C ARG B 67 -27.37 27.61 1.54
N PHE B 68 -26.20 27.55 2.15
CA PHE B 68 -25.27 28.66 2.16
C PHE B 68 -24.11 28.37 1.21
N THR B 69 -23.56 29.42 0.62
CA THR B 69 -22.43 29.32 -0.29
C THR B 69 -21.42 30.39 0.10
N ILE B 70 -20.22 29.98 0.42
CA ILE B 70 -19.13 30.88 0.78
C ILE B 70 -18.27 31.13 -0.45
N SER B 71 -17.79 32.35 -0.60
CA SER B 71 -16.92 32.71 -1.70
C SER B 71 -15.96 33.79 -1.23
N ARG B 72 -14.98 34.09 -2.07
CA ARG B 72 -13.97 35.08 -1.74
C ARG B 72 -13.46 35.74 -3.01
N ASP B 73 -12.98 36.97 -2.87
CA ASP B 73 -12.38 37.70 -3.98
C ASP B 73 -11.05 38.24 -3.44
N ASN B 74 -9.96 37.53 -3.76
CA ASN B 74 -8.65 37.93 -3.27
C ASN B 74 -8.19 39.25 -3.86
N ALA B 75 -8.58 39.56 -5.09
CA ALA B 75 -8.21 40.85 -5.67
C ALA B 75 -8.93 42.00 -4.98
N LYS B 76 -10.16 41.78 -4.53
CA LYS B 76 -10.92 42.77 -3.80
C LYS B 76 -10.78 42.64 -2.29
N ASN B 77 -9.94 41.72 -1.82
CA ASN B 77 -9.67 41.47 -0.41
C ASN B 77 -10.96 41.35 0.41
N THR B 78 -11.94 40.65 -0.14
CA THR B 78 -13.25 40.54 0.47
C THR B 78 -13.73 39.10 0.40
N ALA B 79 -14.39 38.64 1.47
CA ALA B 79 -15.02 37.33 1.51
C ALA B 79 -16.54 37.52 1.58
N PHE B 80 -17.27 36.52 1.10
CA PHE B 80 -18.72 36.63 1.01
C PHE B 80 -19.39 35.36 1.50
N LEU B 81 -20.64 35.50 1.93
CA LEU B 81 -21.47 34.37 2.36
C LEU B 81 -22.85 34.54 1.77
N GLN B 82 -23.19 33.73 0.79
CA GLN B 82 -24.52 33.75 0.19
C GLN B 82 -25.42 32.80 0.96
N MET B 83 -26.49 33.32 1.52
CA MET B 83 -27.44 32.55 2.33
C MET B 83 -28.77 32.47 1.59
N SER B 84 -29.22 31.24 1.33
CA SER B 84 -30.49 31.02 0.66
C SER B 84 -31.43 30.21 1.56
N SER B 85 -32.73 30.35 1.29
CA SER B 85 -33.77 29.63 2.03
C SER B 85 -33.61 29.82 3.53
N LEU B 86 -33.47 31.09 3.94
CA LEU B 86 -33.27 31.40 5.35
C LEU B 86 -34.45 30.92 6.18
N LYS B 87 -34.15 30.48 7.40
CA LYS B 87 -35.11 29.94 8.34
C LYS B 87 -35.02 30.71 9.64
N PRO B 88 -36.05 30.67 10.47
CA PRO B 88 -35.99 31.39 11.76
C PRO B 88 -34.77 31.02 12.60
N GLU B 89 -34.35 29.76 12.56
CA GLU B 89 -33.17 29.33 13.31
C GLU B 89 -31.87 29.90 12.76
N ASP B 90 -31.89 30.54 11.59
CA ASP B 90 -30.68 31.19 11.09
C ASP B 90 -30.46 32.56 11.72
N THR B 91 -31.40 33.04 12.52
CA THR B 91 -31.26 34.32 13.21
C THR B 91 -30.10 34.28 14.19
N ALA B 92 -29.11 35.14 13.97
CA ALA B 92 -27.92 35.20 14.82
C ALA B 92 -27.04 36.33 14.30
N VAL B 93 -26.03 36.67 15.09
CA VAL B 93 -25.00 37.59 14.65
C VAL B 93 -23.94 36.78 13.91
N TYR B 94 -23.58 37.22 12.72
CA TYR B 94 -22.60 36.52 11.90
C TYR B 94 -21.26 37.24 11.94
N TYR B 95 -20.21 36.48 12.23
CA TYR B 95 -18.86 36.99 12.37
C TYR B 95 -17.98 36.42 11.29
N CYS B 96 -17.09 37.25 10.78
CA CYS B 96 -16.10 36.87 9.80
C CYS B 96 -14.76 36.70 10.51
N ALA B 97 -14.00 35.69 10.10
CA ALA B 97 -12.73 35.42 10.76
C ALA B 97 -11.69 35.00 9.73
N ALA B 98 -10.45 35.36 10.00
CA ALA B 98 -9.32 35.04 9.15
C ALA B 98 -8.36 34.17 9.93
N ARG B 99 -7.91 33.08 9.30
CA ARG B 99 -6.98 32.14 9.92
C ARG B 99 -5.64 32.29 9.22
N ASP B 100 -4.56 32.49 9.99
CA ASP B 100 -3.26 32.75 9.38
C ASP B 100 -2.65 31.45 8.86
N GLY B 101 -3.39 30.87 7.93
CA GLY B 101 -3.03 29.66 7.23
C GLY B 101 -3.94 29.62 6.03
N GLY B 102 -3.49 28.98 4.96
CA GLY B 102 -4.35 29.03 3.82
C GLY B 102 -5.62 28.24 3.96
N TYR B 103 -5.61 27.24 4.83
CA TYR B 103 -6.71 26.30 4.95
C TYR B 103 -7.62 26.61 6.13
N GLY B 104 -8.86 26.16 6.02
CA GLY B 104 -9.87 26.41 7.02
C GLY B 104 -9.85 25.51 8.24
N SER B 105 -10.56 25.98 9.26
CA SER B 105 -10.74 25.28 10.52
C SER B 105 -12.12 25.59 11.07
N ARG B 106 -12.70 24.63 11.77
CA ARG B 106 -14.02 24.80 12.37
C ARG B 106 -14.00 25.32 13.79
N TRP B 107 -12.82 25.51 14.36
CA TRP B 107 -12.71 25.90 15.76
C TRP B 107 -12.45 27.39 15.84
N PRO B 108 -13.34 28.16 16.49
CA PRO B 108 -13.16 29.61 16.54
C PRO B 108 -11.82 30.07 17.09
N ASP B 109 -11.27 29.37 18.09
CA ASP B 109 -10.01 29.79 18.69
C ASP B 109 -8.79 29.56 17.80
N GLU B 110 -8.97 29.00 16.60
CA GLU B 110 -7.89 28.79 15.66
C GLU B 110 -7.76 29.92 14.63
N TYR B 111 -8.62 30.92 14.68
CA TYR B 111 -8.61 32.04 13.75
C TYR B 111 -7.88 33.23 14.35
N THR B 112 -7.07 33.90 13.54
CA THR B 112 -6.22 34.97 14.04
C THR B 112 -6.92 36.32 14.10
N TYR B 113 -7.76 36.63 13.12
CA TYR B 113 -8.46 37.92 13.06
C TYR B 113 -9.96 37.70 12.99
N TRP B 114 -10.71 38.57 13.67
CA TRP B 114 -12.16 38.48 13.72
C TRP B 114 -12.79 39.84 13.46
N GLY B 115 -13.95 39.82 12.81
CA GLY B 115 -14.72 41.02 12.58
C GLY B 115 -15.63 41.34 13.75
N GLN B 116 -16.37 42.45 13.61
CA GLN B 116 -17.28 42.90 14.67
C GLN B 116 -18.63 42.20 14.63
N GLY B 117 -19.01 41.61 13.50
CA GLY B 117 -20.26 40.88 13.39
C GLY B 117 -21.38 41.72 12.80
N THR B 118 -22.35 41.02 12.19
CA THR B 118 -23.54 41.65 11.62
C THR B 118 -24.76 40.82 11.99
N GLN B 119 -25.83 41.50 12.39
CA GLN B 119 -27.04 40.84 12.84
C GLN B 119 -27.91 40.39 11.67
N VAL B 120 -28.38 39.15 11.73
CA VAL B 120 -29.32 38.58 10.77
C VAL B 120 -30.55 38.14 11.54
N THR B 121 -31.73 38.60 11.12
CA THR B 121 -32.97 38.31 11.82
C THR B 121 -34.01 37.72 10.86
N VAL B 122 -34.59 36.59 11.25
CA VAL B 122 -35.62 35.93 10.46
C VAL B 122 -36.84 35.65 11.34
N PRO B 123 -37.87 36.48 11.30
CA PRO B 123 -39.04 36.25 12.13
C PRO B 123 -39.75 34.96 11.74
N PRO B 124 -40.46 34.33 12.68
CA PRO B 124 -41.20 33.08 12.43
C PRO B 124 -42.25 33.21 11.32
N VAL C 2 27.67 -16.31 -23.63
CA VAL C 2 27.38 -17.64 -23.11
C VAL C 2 27.46 -18.67 -24.23
N GLN C 3 28.27 -19.71 -24.02
CA GLN C 3 28.43 -20.80 -24.97
C GLN C 3 27.82 -22.08 -24.41
N LEU C 4 27.07 -22.79 -25.23
CA LEU C 4 26.42 -24.05 -24.85
C LEU C 4 27.05 -25.19 -25.66
N VAL C 5 27.41 -26.27 -24.98
CA VAL C 5 28.02 -27.42 -25.61
C VAL C 5 27.17 -28.66 -25.33
N GLU C 6 26.61 -29.24 -26.37
CA GLU C 6 25.82 -30.46 -26.29
C GLU C 6 26.70 -31.69 -26.41
N SER C 7 26.31 -32.75 -25.69
CA SER C 7 27.03 -34.01 -25.76
C SER C 7 26.05 -35.15 -25.52
N GLY C 8 26.51 -36.37 -25.80
CA GLY C 8 25.70 -37.56 -25.62
C GLY C 8 24.96 -38.07 -26.83
N GLY C 9 25.06 -37.40 -27.98
CA GLY C 9 24.43 -37.89 -29.19
C GLY C 9 25.07 -39.17 -29.72
N GLY C 10 24.37 -39.80 -30.65
CA GLY C 10 24.88 -41.02 -31.26
C GLY C 10 23.76 -41.80 -31.93
N LEU C 11 24.13 -43.01 -32.34
CA LEU C 11 23.22 -43.94 -33.01
C LEU C 11 22.70 -44.97 -32.01
N VAL C 12 21.38 -45.18 -32.01
CA VAL C 12 20.74 -46.13 -31.09
C VAL C 12 19.61 -46.84 -31.83
N GLN C 13 19.44 -48.12 -31.52
CA GLN C 13 18.37 -48.90 -32.12
C GLN C 13 17.02 -48.46 -31.58
N ALA C 14 15.97 -48.69 -32.38
CA ALA C 14 14.62 -48.35 -31.96
C ALA C 14 14.30 -49.02 -30.63
N GLY C 15 13.63 -48.28 -29.74
CA GLY C 15 13.35 -48.73 -28.41
C GLY C 15 14.47 -48.49 -27.41
N GLY C 16 15.66 -48.12 -27.89
CA GLY C 16 16.78 -47.84 -27.02
C GLY C 16 16.64 -46.51 -26.31
N SER C 17 17.68 -46.18 -25.54
CA SER C 17 17.70 -44.95 -24.74
C SER C 17 19.02 -44.21 -24.93
N LEU C 18 18.94 -42.88 -24.85
CA LEU C 18 20.09 -42.00 -24.90
C LEU C 18 19.93 -40.90 -23.85
N ARG C 19 21.06 -40.35 -23.41
CA ARG C 19 21.06 -39.23 -22.47
C ARG C 19 21.93 -38.10 -23.02
N LEU C 20 21.31 -36.97 -23.33
CA LEU C 20 22.02 -35.78 -23.79
C LEU C 20 22.40 -34.90 -22.61
N SER C 21 23.52 -34.19 -22.75
CA SER C 21 23.99 -33.24 -21.74
C SER C 21 24.29 -31.90 -22.39
N CYS C 22 23.97 -30.81 -21.69
CA CYS C 22 24.26 -29.46 -22.14
C CYS C 22 25.09 -28.73 -21.09
N ALA C 23 26.30 -28.32 -21.46
CA ALA C 23 27.19 -27.62 -20.54
C ALA C 23 27.37 -26.16 -20.93
N PRO C 24 26.79 -25.23 -20.18
CA PRO C 24 26.97 -23.80 -20.48
C PRO C 24 28.29 -23.27 -19.92
N SER C 25 28.92 -22.39 -20.70
CA SER C 25 30.17 -21.76 -20.31
C SER C 25 30.03 -20.24 -20.39
N GLY C 26 30.91 -19.55 -19.65
CA GLY C 26 30.87 -18.11 -19.58
C GLY C 26 29.99 -17.54 -18.48
N ARG C 27 29.32 -16.42 -18.75
CA ARG C 27 28.46 -15.77 -17.78
C ARG C 27 27.11 -16.50 -17.68
N THR C 28 27.18 -17.77 -17.32
CA THR C 28 25.99 -18.58 -17.14
C THR C 28 25.45 -18.44 -15.73
N SER C 29 24.14 -18.29 -15.61
CA SER C 29 23.46 -18.17 -14.33
C SER C 29 22.52 -19.35 -14.14
N SER C 30 22.49 -19.87 -12.91
CA SER C 30 21.55 -20.93 -12.56
C SER C 30 20.10 -20.52 -12.76
N THR C 31 19.85 -19.22 -12.92
CA THR C 31 18.52 -18.67 -13.11
C THR C 31 18.07 -18.73 -14.58
N TYR C 32 18.91 -19.23 -15.48
CA TYR C 32 18.53 -19.31 -16.88
C TYR C 32 17.62 -20.51 -17.13
N THR C 33 16.57 -20.30 -17.91
CA THR C 33 15.73 -21.39 -18.37
C THR C 33 16.46 -22.13 -19.47
N MET C 34 16.42 -23.45 -19.42
CA MET C 34 17.10 -24.27 -20.42
C MET C 34 16.06 -25.04 -21.23
N GLY C 35 16.28 -25.13 -22.54
CA GLY C 35 15.36 -25.83 -23.41
C GLY C 35 16.11 -26.64 -24.45
N TRP C 36 15.44 -27.67 -24.95
CA TRP C 36 15.96 -28.54 -25.98
C TRP C 36 15.08 -28.49 -27.21
N PHE C 37 15.71 -28.36 -28.38
CA PHE C 37 15.01 -28.34 -29.65
C PHE C 37 15.66 -29.35 -30.58
N ARG C 38 14.91 -29.79 -31.59
CA ARG C 38 15.45 -30.73 -32.55
C ARG C 38 15.02 -30.33 -33.96
N GLN C 39 15.87 -30.68 -34.93
CA GLN C 39 15.61 -30.38 -36.34
C GLN C 39 15.97 -31.60 -37.18
N ALA C 40 14.95 -32.23 -37.75
CA ALA C 40 15.17 -33.37 -38.63
C ALA C 40 15.63 -32.89 -40.00
N PRO C 41 16.35 -33.72 -40.75
CA PRO C 41 16.80 -33.31 -42.09
C PRO C 41 15.64 -32.81 -42.96
N GLY C 42 15.82 -31.62 -43.51
CA GLY C 42 14.82 -30.98 -44.33
C GLY C 42 13.58 -30.49 -43.60
N LYS C 43 13.55 -30.59 -42.27
CA LYS C 43 12.42 -30.14 -41.48
C LYS C 43 12.79 -28.93 -40.63
N GLU C 44 11.76 -28.19 -40.22
CA GLU C 44 11.94 -27.04 -39.34
C GLU C 44 12.30 -27.48 -37.93
N ARG C 45 12.90 -26.56 -37.18
CA ARG C 45 13.31 -26.81 -35.80
C ARG C 45 12.07 -26.89 -34.91
N GLU C 46 11.92 -27.99 -34.19
CA GLU C 46 10.81 -28.21 -33.29
C GLU C 46 11.25 -28.27 -31.83
N PHE C 47 10.35 -27.85 -30.95
CA PHE C 47 10.59 -27.87 -29.52
C PHE C 47 10.58 -29.31 -28.99
N VAL C 48 11.42 -29.58 -28.00
CA VAL C 48 11.47 -30.92 -27.41
C VAL C 48 11.09 -30.86 -25.94
N ALA C 49 11.88 -30.15 -25.14
CA ALA C 49 11.63 -30.05 -23.71
C ALA C 49 12.30 -28.81 -23.18
N ALA C 50 11.80 -28.33 -22.04
CA ALA C 50 12.39 -27.19 -21.36
C ALA C 50 12.28 -27.40 -19.86
N ILE C 51 13.19 -26.77 -19.13
CA ILE C 51 13.18 -26.77 -17.68
C ILE C 51 13.38 -25.35 -17.19
N SER C 52 12.44 -24.86 -16.39
CA SER C 52 12.55 -23.50 -15.87
C SER C 52 13.68 -23.42 -14.84
N TRP C 53 14.04 -22.18 -14.50
CA TRP C 53 15.04 -21.95 -13.47
C TRP C 53 14.60 -22.49 -12.11
N THR C 54 13.29 -22.61 -11.89
CA THR C 54 12.76 -23.21 -10.68
C THR C 54 12.76 -24.73 -10.73
N GLY C 55 13.15 -25.32 -11.85
CA GLY C 55 13.20 -26.76 -11.99
C GLY C 55 11.94 -27.42 -12.52
N THR C 56 10.96 -26.64 -12.96
CA THR C 56 9.73 -27.21 -13.49
C THR C 56 9.96 -27.69 -14.91
N PRO C 57 9.76 -28.97 -15.21
CA PRO C 57 9.98 -29.45 -16.57
C PRO C 57 8.75 -29.32 -17.45
N TYR C 58 9.00 -29.09 -18.73
CA TYR C 58 7.96 -29.00 -19.75
C TYR C 58 8.37 -29.83 -20.94
N TYR C 59 7.40 -30.51 -21.56
CA TYR C 59 7.71 -31.41 -22.66
C TYR C 59 6.73 -31.24 -23.81
N ALA C 60 7.24 -31.39 -25.02
CA ALA C 60 6.39 -31.44 -26.20
C ALA C 60 5.56 -32.72 -26.19
N ASP C 61 4.36 -32.63 -26.78
CA ASP C 61 3.47 -33.79 -26.80
C ASP C 61 4.10 -34.98 -27.51
N SER C 62 4.96 -34.73 -28.50
CA SER C 62 5.63 -35.82 -29.20
C SER C 62 6.62 -36.57 -28.32
N VAL C 63 7.09 -35.96 -27.23
CA VAL C 63 8.06 -36.58 -26.33
C VAL C 63 7.51 -36.79 -24.94
N LYS C 64 6.28 -36.36 -24.66
CA LYS C 64 5.69 -36.53 -23.34
C LYS C 64 5.66 -38.00 -22.94
N GLY C 65 6.08 -38.28 -21.71
CA GLY C 65 6.14 -39.63 -21.20
C GLY C 65 7.32 -40.46 -21.67
N ARG C 66 8.07 -39.99 -22.67
CA ARG C 66 9.24 -40.68 -23.16
C ARG C 66 10.55 -40.01 -22.78
N PHE C 67 10.59 -38.68 -22.80
CA PHE C 67 11.81 -37.95 -22.48
C PHE C 67 11.68 -37.30 -21.10
N THR C 68 12.81 -37.22 -20.40
CA THR C 68 12.86 -36.61 -19.08
C THR C 68 14.03 -35.64 -19.04
N ILE C 69 13.74 -34.37 -18.77
CA ILE C 69 14.75 -33.34 -18.60
C ILE C 69 15.05 -33.16 -17.12
N SER C 70 16.31 -32.95 -16.80
CA SER C 70 16.75 -32.72 -15.42
C SER C 70 17.88 -31.71 -15.43
N ARG C 71 18.11 -31.09 -14.27
CA ARG C 71 19.11 -30.04 -14.15
C ARG C 71 19.93 -30.22 -12.89
N ASP C 72 21.25 -30.09 -13.03
CA ASP C 72 22.19 -30.12 -11.92
C ASP C 72 22.69 -28.69 -11.70
N ASN C 73 22.09 -27.99 -10.73
CA ASN C 73 22.43 -26.59 -10.51
C ASN C 73 23.86 -26.40 -10.01
N ALA C 74 24.41 -27.39 -9.30
CA ALA C 74 25.78 -27.26 -8.82
C ALA C 74 26.78 -27.27 -9.97
N LYS C 75 26.50 -28.05 -11.02
CA LYS C 75 27.35 -28.11 -12.20
C LYS C 75 26.80 -27.25 -13.34
N ASN C 76 25.66 -26.59 -13.11
CA ASN C 76 24.97 -25.83 -14.15
C ASN C 76 24.70 -26.67 -15.40
N THR C 77 24.60 -27.99 -15.23
CA THR C 77 24.43 -28.89 -16.35
C THR C 77 22.98 -29.34 -16.46
N VAL C 78 22.50 -29.46 -17.69
CA VAL C 78 21.15 -29.93 -18.00
C VAL C 78 21.25 -31.25 -18.75
N TYR C 79 20.38 -32.20 -18.40
CA TYR C 79 20.37 -33.50 -19.02
C TYR C 79 19.01 -33.77 -19.66
N LEU C 80 19.02 -34.51 -20.76
CA LEU C 80 17.79 -34.95 -21.44
C LEU C 80 17.85 -36.46 -21.60
N GLN C 81 17.14 -37.18 -20.74
CA GLN C 81 17.04 -38.63 -20.85
C GLN C 81 15.96 -38.98 -21.87
N MET C 82 16.34 -39.72 -22.91
CA MET C 82 15.42 -40.09 -23.98
C MET C 82 15.22 -41.60 -23.96
N ASN C 83 14.00 -42.03 -23.68
CA ASN C 83 13.65 -43.44 -23.64
C ASN C 83 12.66 -43.78 -24.75
N SER C 84 12.61 -45.07 -25.09
CA SER C 84 11.71 -45.59 -26.13
C SER C 84 11.87 -44.81 -27.42
N LEU C 85 13.12 -44.61 -27.83
CA LEU C 85 13.41 -43.87 -29.05
C LEU C 85 12.86 -44.59 -30.26
N LYS C 86 12.41 -43.80 -31.23
CA LYS C 86 11.80 -44.29 -32.46
C LYS C 86 12.51 -43.66 -33.66
N PRO C 87 12.39 -44.28 -34.84
CA PRO C 87 13.04 -43.69 -36.03
C PRO C 87 12.69 -42.23 -36.27
N GLU C 88 11.45 -41.82 -35.95
CA GLU C 88 11.05 -40.43 -36.13
C GLU C 88 11.77 -39.47 -35.20
N ASP C 89 12.47 -39.96 -34.19
CA ASP C 89 13.25 -39.10 -33.30
C ASP C 89 14.61 -38.73 -33.87
N THR C 90 14.98 -39.26 -35.04
CA THR C 90 16.25 -38.94 -35.67
C THR C 90 16.32 -37.47 -36.06
N ALA C 91 17.19 -36.70 -35.40
CA ALA C 91 17.33 -35.27 -35.67
C ALA C 91 18.56 -34.76 -34.93
N VAL C 92 18.96 -33.53 -35.27
CA VAL C 92 19.95 -32.80 -34.50
C VAL C 92 19.26 -32.10 -33.34
N TYR C 93 19.77 -32.31 -32.14
CA TYR C 93 19.20 -31.74 -30.92
C TYR C 93 20.04 -30.56 -30.45
N TYR C 94 19.39 -29.41 -30.25
CA TYR C 94 20.06 -28.18 -29.86
C TYR C 94 19.67 -27.79 -28.44
N CYS C 95 20.67 -27.40 -27.65
CA CYS C 95 20.44 -26.85 -26.32
C CYS C 95 20.25 -25.34 -26.42
N ALA C 96 19.35 -24.80 -25.59
CA ALA C 96 19.05 -23.38 -25.60
C ALA C 96 18.93 -22.86 -24.18
N ALA C 97 19.26 -21.59 -23.99
CA ALA C 97 19.16 -20.93 -22.70
C ALA C 97 18.44 -19.60 -22.83
N ALA C 98 17.62 -19.26 -21.85
CA ALA C 98 16.84 -18.03 -21.86
C ALA C 98 16.93 -17.32 -20.52
N ARG C 99 17.00 -15.99 -20.56
CA ARG C 99 17.06 -15.20 -19.35
C ARG C 99 15.75 -15.30 -18.57
N PRO C 100 15.79 -15.08 -17.26
CA PRO C 100 14.56 -15.12 -16.45
C PRO C 100 13.54 -14.10 -16.89
N GLY C 101 12.26 -14.44 -16.67
CA GLY C 101 11.16 -13.54 -16.93
C GLY C 101 10.64 -13.50 -18.35
N LEU C 102 11.22 -14.28 -19.26
CA LEU C 102 10.80 -14.26 -20.65
C LEU C 102 9.61 -15.18 -20.94
N PHE C 103 9.24 -16.05 -20.00
CA PHE C 103 8.18 -17.03 -20.21
C PHE C 103 6.96 -16.67 -19.37
N ILE C 104 5.86 -16.37 -20.03
CA ILE C 104 4.60 -16.01 -19.38
C ILE C 104 3.62 -17.17 -19.39
N PHE C 105 3.47 -17.81 -20.54
CA PHE C 105 2.58 -18.96 -20.70
C PHE C 105 3.40 -20.21 -21.00
N VAL C 106 2.82 -21.37 -20.69
CA VAL C 106 3.50 -22.63 -20.95
C VAL C 106 3.89 -22.74 -22.42
N SER C 107 3.04 -22.24 -23.31
CA SER C 107 3.32 -22.25 -24.74
C SER C 107 4.56 -21.42 -25.10
N ASP C 108 4.99 -20.51 -24.22
CA ASP C 108 6.15 -19.69 -24.51
C ASP C 108 7.44 -20.51 -24.54
N TYR C 109 7.49 -21.63 -23.81
CA TYR C 109 8.69 -22.47 -23.84
C TYR C 109 8.94 -23.04 -25.22
N ALA C 110 7.90 -23.22 -26.03
CA ALA C 110 8.04 -23.77 -27.36
C ALA C 110 8.45 -22.76 -28.41
N ARG C 111 8.56 -21.48 -28.06
CA ARG C 111 8.91 -20.44 -29.02
C ARG C 111 10.43 -20.29 -29.07
N THR C 112 11.02 -20.63 -30.22
CA THR C 112 12.46 -20.52 -30.41
C THR C 112 12.98 -19.12 -30.11
N ALA C 113 12.22 -18.10 -30.50
CA ALA C 113 12.63 -16.71 -30.30
C ALA C 113 12.76 -16.31 -28.83
N LYS C 114 12.29 -17.13 -27.90
CA LYS C 114 12.38 -16.79 -26.49
C LYS C 114 13.74 -17.13 -25.88
N TYR C 115 14.60 -17.86 -26.59
CA TYR C 115 15.89 -18.28 -26.07
C TYR C 115 17.00 -17.39 -26.61
N ASP C 116 17.84 -16.88 -25.71
CA ASP C 116 18.91 -15.97 -26.07
C ASP C 116 20.19 -16.67 -26.53
N TYR C 117 20.45 -17.88 -26.06
CA TYR C 117 21.68 -18.59 -26.39
C TYR C 117 21.38 -19.99 -26.92
N TRP C 118 22.17 -20.41 -27.91
CA TRP C 118 21.99 -21.70 -28.57
C TRP C 118 23.32 -22.41 -28.73
N GLY C 119 23.28 -23.73 -28.55
CA GLY C 119 24.44 -24.58 -28.78
C GLY C 119 24.59 -24.96 -30.24
N GLN C 120 25.64 -25.74 -30.52
CA GLN C 120 25.92 -26.20 -31.88
C GLN C 120 25.07 -27.41 -32.29
N GLY C 121 24.52 -28.14 -31.33
CA GLY C 121 23.69 -29.30 -31.62
C GLY C 121 24.46 -30.61 -31.65
N THR C 122 23.71 -31.70 -31.43
CA THR C 122 24.24 -33.06 -31.45
C THR C 122 23.30 -33.95 -32.23
N GLN C 123 23.85 -34.76 -33.13
CA GLN C 123 23.06 -35.65 -33.97
C GLN C 123 22.62 -36.90 -33.21
N VAL C 124 21.32 -37.22 -33.30
CA VAL C 124 20.76 -38.46 -32.77
C VAL C 124 20.13 -39.21 -33.93
N THR C 125 20.52 -40.48 -34.11
CA THR C 125 20.04 -41.29 -35.23
C THR C 125 19.45 -42.59 -34.72
N VAL C 126 18.23 -42.89 -35.15
CA VAL C 126 17.54 -44.12 -34.81
C VAL C 126 17.20 -44.85 -36.11
N PRO C 127 18.01 -45.82 -36.52
CA PRO C 127 17.72 -46.54 -37.76
C PRO C 127 16.40 -47.27 -37.66
N PRO C 128 15.70 -47.46 -38.80
CA PRO C 128 14.41 -48.16 -38.86
C PRO C 128 14.49 -49.60 -38.34
#